data_3RZ2
#
_entry.id   3RZ2
#
_cell.length_a   146.513
_cell.length_b   146.513
_cell.length_c   146.513
_cell.angle_alpha   90.00
_cell.angle_beta   90.00
_cell.angle_gamma   90.00
#
_symmetry.space_group_name_H-M   'I 21 3'
#
loop_
_entity.id
_entity.type
_entity.pdbx_description
1 polymer 'Protein tyrosine phosphatase type IVA 1'
2 polymer 'Prl-1 (PTP4A1)'
3 water water
#
loop_
_entity_poly.entity_id
_entity_poly.type
_entity_poly.pdbx_seq_one_letter_code
_entity_poly.pdbx_strand_id
1 'polypeptide(L)'
;MGSSHHHHHHSSGLVPRGSHMARMNRPAPVEVTYKNMRFLITHNPTNATLNKFIEELKKYGVTTIVRVCEATYDTTLVEK
EGIHVLDWPFDDGAPPSNQIVDDWLSLVKIKFREEPGCCIAVHCVAGLGRAPVLVALALIEGGMKYEDAVQFIRQKRRGA
FNSKQLLYLEKYRPKMRLRFKDSNGHRNN
;
A,B
2 'polypeptide(L)' GWWSLIPPKYIT C,D
#
# COMPACT_ATOMS: atom_id res chain seq x y z
N PRO A 29 7.00 0.81 -30.46
CA PRO A 29 6.99 -0.06 -29.24
C PRO A 29 8.10 0.26 -28.21
N VAL A 30 7.69 0.52 -26.97
CA VAL A 30 8.62 0.86 -25.88
C VAL A 30 8.78 -0.18 -24.76
N GLU A 31 9.78 0.01 -23.92
CA GLU A 31 10.08 -0.91 -22.83
C GLU A 31 10.50 -0.27 -21.51
N VAL A 32 10.14 -0.91 -20.40
CA VAL A 32 10.49 -0.39 -19.08
C VAL A 32 10.78 -1.52 -18.11
N THR A 33 11.83 -1.36 -17.32
CA THR A 33 12.20 -2.37 -16.35
C THR A 33 12.29 -1.78 -14.95
N TYR A 34 12.35 -2.66 -13.97
CA TYR A 34 12.43 -2.27 -12.57
C TYR A 34 12.64 -3.60 -11.85
N LYS A 35 13.76 -3.71 -11.14
CA LYS A 35 14.07 -4.93 -10.41
C LYS A 35 14.05 -6.10 -11.39
N ASN A 36 13.36 -7.16 -11.01
CA ASN A 36 13.24 -8.37 -11.81
C ASN A 36 12.23 -8.26 -12.96
N MET A 37 11.61 -7.08 -13.09
CA MET A 37 10.60 -6.87 -14.12
C MET A 37 11.05 -6.07 -15.32
N ARG A 38 10.56 -6.46 -16.49
CA ARG A 38 10.86 -5.79 -17.74
C ARG A 38 9.62 -5.99 -18.59
N PHE A 39 8.95 -4.89 -18.89
CA PHE A 39 7.73 -4.94 -19.67
C PHE A 39 7.99 -4.33 -21.03
N LEU A 40 6.99 -4.38 -21.89
CA LEU A 40 7.15 -3.85 -23.22
C LEU A 40 5.81 -3.49 -23.84
N ILE A 41 5.37 -2.24 -23.69
CA ILE A 41 4.10 -1.81 -24.27
C ILE A 41 4.26 -1.79 -25.78
N THR A 42 3.21 -2.16 -26.49
CA THR A 42 3.31 -2.19 -27.94
C THR A 42 2.05 -1.72 -28.64
N HIS A 43 2.11 -1.80 -29.97
CA HIS A 43 1.00 -1.41 -30.84
C HIS A 43 0.31 -2.64 -31.39
N ASN A 44 -1.01 -2.63 -31.28
CA ASN A 44 -1.87 -3.69 -31.78
C ASN A 44 -1.40 -4.08 -33.18
N PRO A 45 -0.62 -5.15 -33.30
CA PRO A 45 -0.14 -5.57 -34.61
C PRO A 45 -1.27 -5.95 -35.53
N THR A 46 -1.15 -5.52 -36.79
CA THR A 46 -2.16 -5.87 -37.78
C THR A 46 -1.81 -7.29 -38.22
N ASN A 47 -2.75 -7.94 -38.89
CA ASN A 47 -2.52 -9.28 -39.37
C ASN A 47 -1.39 -9.19 -40.41
N ALA A 48 -1.23 -7.99 -40.98
CA ALA A 48 -0.23 -7.69 -41.99
C ALA A 48 1.23 -7.75 -41.53
N THR A 49 1.45 -7.84 -40.21
CA THR A 49 2.81 -7.89 -39.68
C THR A 49 3.03 -8.96 -38.61
N LEU A 50 1.95 -9.63 -38.21
CA LEU A 50 2.01 -10.68 -37.19
C LEU A 50 3.28 -11.54 -37.26
N ASN A 51 3.68 -11.91 -38.46
CA ASN A 51 4.87 -12.72 -38.68
C ASN A 51 6.13 -12.00 -38.18
N LYS A 52 6.23 -10.72 -38.51
CA LYS A 52 7.37 -9.92 -38.09
C LYS A 52 7.29 -9.63 -36.60
N PHE A 53 6.09 -9.35 -36.13
CA PHE A 53 5.85 -9.05 -34.71
C PHE A 53 6.45 -10.15 -33.86
N ILE A 54 6.02 -11.37 -34.11
CA ILE A 54 6.52 -12.52 -33.37
C ILE A 54 8.05 -12.46 -33.30
N GLU A 55 8.67 -12.20 -34.45
CA GLU A 55 10.12 -12.12 -34.51
C GLU A 55 10.63 -11.02 -33.59
N GLU A 56 9.94 -9.87 -33.57
CA GLU A 56 10.37 -8.77 -32.72
C GLU A 56 10.24 -9.23 -31.28
N LEU A 57 9.02 -9.63 -30.93
CA LEU A 57 8.70 -10.09 -29.58
C LEU A 57 9.69 -11.10 -29.03
N LYS A 58 10.10 -12.06 -29.86
CA LYS A 58 11.03 -13.09 -29.41
C LYS A 58 12.45 -12.57 -29.23
N LYS A 59 12.74 -11.43 -29.86
CA LYS A 59 14.07 -10.80 -29.77
C LYS A 59 14.19 -9.99 -28.50
N TYR A 60 13.10 -9.94 -27.73
CA TYR A 60 13.06 -9.21 -26.47
C TYR A 60 12.99 -10.17 -25.28
N GLY A 61 12.62 -11.41 -25.54
CA GLY A 61 12.52 -12.38 -24.47
C GLY A 61 11.08 -12.39 -24.00
N VAL A 62 10.20 -11.78 -24.78
CA VAL A 62 8.79 -11.70 -24.44
C VAL A 62 8.19 -13.09 -24.54
N THR A 63 7.60 -13.55 -23.43
CA THR A 63 7.02 -14.90 -23.35
C THR A 63 5.52 -14.86 -23.17
N THR A 64 5.03 -13.71 -22.75
CA THR A 64 3.60 -13.57 -22.51
C THR A 64 3.19 -12.22 -23.00
N ILE A 65 1.94 -12.11 -23.39
CA ILE A 65 1.45 -10.85 -23.87
C ILE A 65 0.02 -10.69 -23.40
N VAL A 66 -0.23 -9.61 -22.66
CA VAL A 66 -1.57 -9.36 -22.16
C VAL A 66 -2.23 -8.35 -23.08
N ARG A 67 -3.40 -8.72 -23.61
CA ARG A 67 -4.18 -7.85 -24.47
C ARG A 67 -5.29 -7.28 -23.60
N VAL A 68 -5.22 -5.98 -23.34
CA VAL A 68 -6.18 -5.28 -22.50
C VAL A 68 -7.19 -4.46 -23.30
N CYS A 69 -7.12 -4.58 -24.62
CA CYS A 69 -8.04 -3.85 -25.49
C CYS A 69 -8.59 -4.84 -26.51
N GLU A 70 -9.43 -4.38 -27.43
CA GLU A 70 -10.01 -5.26 -28.46
C GLU A 70 -8.99 -6.18 -29.17
N ALA A 71 -9.34 -7.46 -29.31
CA ALA A 71 -8.47 -8.44 -29.95
C ALA A 71 -8.68 -8.46 -31.47
N THR A 72 -7.63 -8.17 -32.22
CA THR A 72 -7.75 -8.13 -33.66
C THR A 72 -6.83 -9.08 -34.42
N TYR A 73 -6.73 -10.32 -33.94
CA TYR A 73 -5.89 -11.28 -34.63
C TYR A 73 -5.86 -12.65 -33.97
N ASP A 74 -5.44 -13.63 -34.77
CA ASP A 74 -5.31 -15.03 -34.34
C ASP A 74 -4.12 -15.16 -33.40
N THR A 75 -4.14 -16.23 -32.60
CA THR A 75 -3.07 -16.46 -31.64
C THR A 75 -2.35 -17.79 -31.86
N THR A 76 -2.87 -18.62 -32.76
CA THR A 76 -2.26 -19.93 -33.00
C THR A 76 -0.81 -19.84 -33.44
N LEU A 77 -0.50 -18.91 -34.35
CA LEU A 77 0.88 -18.75 -34.82
C LEU A 77 1.77 -18.33 -33.68
N VAL A 78 1.25 -17.44 -32.83
CA VAL A 78 1.97 -16.94 -31.65
C VAL A 78 2.19 -18.07 -30.66
N GLU A 79 1.07 -18.59 -30.16
CA GLU A 79 1.09 -19.68 -29.21
C GLU A 79 1.93 -20.80 -29.80
N LYS A 80 2.00 -20.84 -31.13
CA LYS A 80 2.78 -21.85 -31.82
C LYS A 80 4.18 -21.67 -31.27
N GLU A 81 4.60 -20.41 -31.21
CA GLU A 81 5.91 -20.04 -30.69
C GLU A 81 5.75 -19.69 -29.22
N GLY A 82 6.08 -20.65 -28.37
CA GLY A 82 5.97 -20.47 -26.93
C GLY A 82 5.72 -19.08 -26.39
N ILE A 83 4.58 -18.49 -26.72
CA ILE A 83 4.22 -17.15 -26.24
C ILE A 83 2.74 -17.09 -25.89
N HIS A 84 2.39 -17.33 -24.63
CA HIS A 84 0.98 -17.28 -24.31
C HIS A 84 0.41 -15.87 -24.45
N VAL A 85 -0.90 -15.80 -24.71
CA VAL A 85 -1.58 -14.53 -24.86
C VAL A 85 -2.80 -14.54 -23.96
N LEU A 86 -2.73 -13.77 -22.88
CA LEU A 86 -3.84 -13.66 -21.94
C LEU A 86 -4.67 -12.49 -22.41
N ASP A 87 -5.99 -12.62 -22.33
CA ASP A 87 -6.86 -11.55 -22.76
C ASP A 87 -7.68 -11.01 -21.61
N TRP A 88 -7.21 -9.94 -20.99
CA TRP A 88 -7.93 -9.34 -19.87
C TRP A 88 -8.18 -7.86 -20.20
N PRO A 89 -9.32 -7.56 -20.83
CA PRO A 89 -9.54 -6.15 -21.14
C PRO A 89 -10.15 -5.36 -20.00
N PHE A 90 -10.75 -4.25 -20.40
CA PHE A 90 -11.44 -3.30 -19.53
C PHE A 90 -11.43 -2.00 -20.31
N ASP A 91 -12.52 -1.25 -20.23
CA ASP A 91 -12.65 0.01 -20.94
C ASP A 91 -11.57 1.00 -20.52
N ASP A 92 -10.87 1.58 -21.51
CA ASP A 92 -9.83 2.56 -21.25
C ASP A 92 -10.54 3.57 -20.35
N GLY A 93 -9.78 4.27 -19.50
CA GLY A 93 -10.41 5.22 -18.61
C GLY A 93 -11.39 4.54 -17.67
N ALA A 94 -11.04 3.33 -17.24
CA ALA A 94 -11.86 2.54 -16.32
C ALA A 94 -10.97 1.60 -15.49
N PRO A 95 -11.11 1.61 -14.16
CA PRO A 95 -10.27 0.74 -13.34
C PRO A 95 -10.39 -0.74 -13.73
N PRO A 96 -9.25 -1.39 -13.98
CA PRO A 96 -9.25 -2.80 -14.36
C PRO A 96 -9.74 -3.75 -13.27
N SER A 97 -11.05 -3.99 -13.23
CA SER A 97 -11.67 -4.88 -12.25
C SER A 97 -10.91 -4.96 -10.92
N ASN A 98 -10.96 -6.15 -10.31
CA ASN A 98 -10.29 -6.44 -9.05
C ASN A 98 -9.59 -7.75 -9.32
N GLN A 99 -10.21 -8.54 -10.19
CA GLN A 99 -9.67 -9.82 -10.57
C GLN A 99 -8.41 -9.53 -11.37
N ILE A 100 -8.58 -8.82 -12.48
CA ILE A 100 -7.50 -8.42 -13.38
C ILE A 100 -6.23 -7.92 -12.67
N VAL A 101 -6.39 -7.22 -11.56
CA VAL A 101 -5.23 -6.74 -10.83
C VAL A 101 -4.55 -7.93 -10.15
N ASP A 102 -5.35 -8.84 -9.60
CA ASP A 102 -4.80 -10.02 -8.95
C ASP A 102 -3.90 -10.71 -9.94
N ASP A 103 -4.53 -11.34 -10.92
CA ASP A 103 -3.83 -12.07 -11.99
C ASP A 103 -2.59 -11.36 -12.49
N TRP A 104 -2.74 -10.07 -12.80
CA TRP A 104 -1.63 -9.27 -13.28
C TRP A 104 -0.53 -9.36 -12.24
N LEU A 105 -0.86 -8.95 -11.02
CA LEU A 105 0.08 -8.98 -9.93
C LEU A 105 0.72 -10.36 -9.71
N SER A 106 -0.08 -11.40 -9.80
CA SER A 106 0.45 -12.73 -9.61
C SER A 106 1.35 -13.01 -10.78
N LEU A 107 0.76 -12.99 -11.97
CA LEU A 107 1.48 -13.23 -13.21
C LEU A 107 2.87 -12.59 -13.13
N VAL A 108 2.89 -11.30 -12.81
CA VAL A 108 4.15 -10.55 -12.71
C VAL A 108 5.15 -11.11 -11.69
N LYS A 109 4.69 -11.45 -10.48
CA LYS A 109 5.62 -12.00 -9.48
C LYS A 109 6.10 -13.40 -9.91
N ILE A 110 5.19 -14.19 -10.47
CA ILE A 110 5.51 -15.54 -10.91
C ILE A 110 6.43 -15.58 -12.14
N LYS A 111 5.87 -15.28 -13.30
CA LYS A 111 6.61 -15.30 -14.55
C LYS A 111 8.03 -14.81 -14.46
N PHE A 112 8.25 -13.78 -13.67
CA PHE A 112 9.58 -13.20 -13.54
C PHE A 112 10.57 -13.99 -12.69
N ARG A 113 10.08 -14.60 -11.61
CA ARG A 113 10.95 -15.38 -10.75
C ARG A 113 11.15 -16.72 -11.45
N GLU A 114 10.11 -17.13 -12.19
CA GLU A 114 10.08 -18.39 -12.93
C GLU A 114 10.86 -18.41 -14.25
N GLU A 115 10.99 -17.27 -14.90
CA GLU A 115 11.72 -17.18 -16.17
C GLU A 115 12.64 -15.98 -16.12
N PRO A 116 13.76 -16.10 -15.38
CA PRO A 116 14.76 -15.05 -15.22
C PRO A 116 15.19 -14.38 -16.51
N GLY A 117 14.97 -13.07 -16.58
CA GLY A 117 15.37 -12.31 -17.75
C GLY A 117 14.31 -12.16 -18.82
N CYS A 118 13.15 -12.77 -18.62
CA CYS A 118 12.08 -12.69 -19.62
C CYS A 118 11.33 -11.37 -19.60
N CYS A 119 10.70 -11.06 -20.72
CA CYS A 119 9.92 -9.84 -20.84
C CYS A 119 8.44 -10.20 -20.94
N ILE A 120 7.58 -9.24 -20.60
CA ILE A 120 6.13 -9.41 -20.67
C ILE A 120 5.57 -8.23 -21.45
N ALA A 121 4.90 -8.52 -22.56
CA ALA A 121 4.33 -7.48 -23.39
C ALA A 121 2.84 -7.22 -23.14
N VAL A 122 2.49 -5.94 -22.97
CA VAL A 122 1.12 -5.57 -22.77
C VAL A 122 0.80 -4.68 -23.97
N HIS A 123 -0.33 -4.90 -24.62
CA HIS A 123 -0.66 -4.06 -25.76
C HIS A 123 -2.13 -3.69 -25.79
N CYS A 124 -2.43 -2.53 -26.37
CA CYS A 124 -3.79 -2.07 -26.47
C CYS A 124 -4.29 -2.17 -27.92
N VAL A 125 -5.50 -1.68 -28.19
CA VAL A 125 -6.07 -1.73 -29.52
C VAL A 125 -5.60 -0.56 -30.37
N ALA A 126 -5.71 0.65 -29.81
CA ALA A 126 -5.27 1.85 -30.54
C ALA A 126 -3.75 1.94 -30.50
N GLY A 127 -3.22 2.30 -29.34
CA GLY A 127 -1.79 2.41 -29.14
C GLY A 127 -1.51 2.05 -27.69
N LEU A 128 -1.03 3.01 -26.90
CA LEU A 128 -0.76 2.77 -25.49
C LEU A 128 -2.09 2.49 -24.79
N GLY A 129 -3.05 3.38 -25.00
CA GLY A 129 -4.36 3.21 -24.37
C GLY A 129 -4.25 3.13 -22.87
N ARG A 130 -4.63 1.97 -22.34
CA ARG A 130 -4.62 1.72 -20.88
C ARG A 130 -3.50 0.79 -20.40
N ALA A 131 -2.68 0.29 -21.34
CA ALA A 131 -1.57 -0.62 -21.04
C ALA A 131 -0.63 -0.12 -19.93
N PRO A 132 -0.25 1.16 -19.97
CA PRO A 132 0.64 1.71 -18.96
C PRO A 132 0.08 1.50 -17.56
N VAL A 133 -1.22 1.73 -17.43
CA VAL A 133 -1.90 1.60 -16.14
C VAL A 133 -1.51 0.34 -15.42
N LEU A 134 -1.46 -0.78 -16.15
CA LEU A 134 -1.06 -2.04 -15.54
C LEU A 134 0.37 -1.90 -15.07
N VAL A 135 1.29 -1.86 -16.03
CA VAL A 135 2.70 -1.70 -15.72
C VAL A 135 2.86 -0.82 -14.47
N ALA A 136 2.14 0.30 -14.45
CA ALA A 136 2.21 1.20 -13.31
C ALA A 136 1.97 0.38 -12.05
N LEU A 137 0.80 -0.24 -11.98
CA LEU A 137 0.41 -1.10 -10.86
C LEU A 137 1.56 -2.04 -10.52
N ALA A 138 2.16 -2.60 -11.56
CA ALA A 138 3.28 -3.49 -11.35
C ALA A 138 4.36 -2.74 -10.56
N LEU A 139 4.64 -1.49 -10.95
CA LEU A 139 5.64 -0.68 -10.29
C LEU A 139 5.21 -0.21 -8.90
N ILE A 140 3.95 0.17 -8.77
CA ILE A 140 3.40 0.62 -7.50
C ILE A 140 3.43 -0.56 -6.52
N GLU A 141 2.98 -1.72 -6.97
CA GLU A 141 2.96 -2.89 -6.13
C GLU A 141 4.38 -3.35 -5.84
N GLY A 142 5.35 -2.59 -6.33
CA GLY A 142 6.74 -2.94 -6.12
C GLY A 142 7.50 -1.88 -5.31
N GLY A 143 6.77 -1.04 -4.56
CA GLY A 143 7.40 -0.04 -3.73
C GLY A 143 7.76 1.26 -4.43
N MET A 144 6.88 1.69 -5.31
CA MET A 144 7.09 2.92 -6.04
C MET A 144 5.80 3.68 -5.84
N LYS A 145 5.87 4.97 -5.55
CA LYS A 145 4.63 5.71 -5.38
C LYS A 145 4.01 5.86 -6.76
N TYR A 146 2.73 6.17 -6.83
CA TYR A 146 2.09 6.29 -8.13
C TYR A 146 2.77 7.32 -9.01
N GLU A 147 3.14 8.47 -8.46
CA GLU A 147 3.81 9.49 -9.27
C GLU A 147 5.18 8.95 -9.70
N ASP A 148 5.88 8.31 -8.77
CA ASP A 148 7.17 7.71 -9.05
C ASP A 148 7.04 6.76 -10.24
N ALA A 149 5.86 6.18 -10.41
CA ALA A 149 5.63 5.24 -11.49
C ALA A 149 5.15 5.94 -12.75
N VAL A 150 4.38 7.00 -12.57
CA VAL A 150 3.87 7.76 -13.69
C VAL A 150 5.07 8.39 -14.41
N GLN A 151 5.95 9.02 -13.64
CA GLN A 151 7.15 9.66 -14.17
C GLN A 151 8.04 8.62 -14.83
N PHE A 152 8.30 7.55 -14.09
CA PHE A 152 9.15 6.46 -14.56
C PHE A 152 8.70 5.96 -15.92
N ILE A 153 7.39 6.05 -16.16
CA ILE A 153 6.79 5.61 -17.41
C ILE A 153 6.76 6.68 -18.47
N ARG A 154 6.31 7.88 -18.13
CA ARG A 154 6.28 8.96 -19.11
C ARG A 154 7.68 9.24 -19.62
N GLN A 155 8.66 8.53 -19.07
CA GLN A 155 10.04 8.67 -19.48
C GLN A 155 10.23 7.94 -20.81
N LYS A 156 9.41 6.92 -21.03
CA LYS A 156 9.48 6.12 -22.25
C LYS A 156 8.37 6.50 -23.22
N ARG A 157 7.20 6.79 -22.69
CA ARG A 157 6.06 7.19 -23.52
C ARG A 157 5.71 8.63 -23.17
N ARG A 158 6.10 9.56 -24.05
CA ARG A 158 5.87 11.00 -23.86
C ARG A 158 4.59 11.35 -23.10
N GLY A 159 3.45 10.93 -23.66
CA GLY A 159 2.18 11.24 -23.03
C GLY A 159 1.29 10.04 -22.76
N ALA A 160 1.10 9.76 -21.48
CA ALA A 160 0.27 8.64 -21.08
C ALA A 160 -0.39 8.96 -19.74
N PHE A 161 -1.46 8.25 -19.43
CA PHE A 161 -2.19 8.45 -18.19
C PHE A 161 -3.08 9.68 -18.23
N ASN A 162 -4.07 9.67 -19.12
CA ASN A 162 -4.96 10.80 -19.20
C ASN A 162 -5.59 11.06 -17.85
N SER A 163 -5.88 12.32 -17.58
CA SER A 163 -6.48 12.80 -16.32
C SER A 163 -7.21 11.75 -15.46
N LYS A 164 -8.06 10.95 -16.09
CA LYS A 164 -8.83 9.93 -15.37
C LYS A 164 -7.92 8.87 -14.76
N GLN A 165 -7.07 8.28 -15.61
CA GLN A 165 -6.13 7.24 -15.20
C GLN A 165 -5.23 7.71 -14.05
N LEU A 166 -4.80 8.96 -14.12
CA LEU A 166 -3.96 9.54 -13.08
C LEU A 166 -4.67 9.51 -11.75
N LEU A 167 -6.00 9.58 -11.81
CA LEU A 167 -6.79 9.53 -10.59
C LEU A 167 -6.80 8.10 -10.07
N TYR A 168 -7.14 7.15 -10.93
CA TYR A 168 -7.18 5.75 -10.53
C TYR A 168 -5.93 5.33 -9.80
N LEU A 169 -4.78 5.56 -10.42
CA LEU A 169 -3.51 5.22 -9.80
C LEU A 169 -3.35 5.96 -8.48
N GLU A 170 -3.73 7.23 -8.45
CA GLU A 170 -3.63 8.03 -7.24
C GLU A 170 -4.44 7.46 -6.08
N LYS A 171 -5.66 7.03 -6.35
CA LYS A 171 -6.53 6.48 -5.32
C LYS A 171 -6.08 5.08 -4.94
N TYR A 172 -5.68 4.30 -5.92
CA TYR A 172 -5.23 2.93 -5.73
C TYR A 172 -4.34 2.71 -4.50
N ARG A 173 -4.75 1.80 -3.60
CA ARG A 173 -3.96 1.44 -2.41
C ARG A 173 -3.46 0.02 -2.69
N PRO A 174 -2.15 -0.22 -2.48
CA PRO A 174 -1.61 -1.56 -2.75
C PRO A 174 -1.85 -2.64 -1.70
N LYS A 175 -1.89 -3.88 -2.15
CA LYS A 175 -2.03 -5.01 -1.24
C LYS A 175 -0.61 -5.15 -0.70
N MET A 176 0.34 -5.06 -1.62
CA MET A 176 1.79 -5.12 -1.37
C MET A 176 2.39 -6.44 -0.95
N ARG A 177 2.05 -7.50 -1.67
CA ARG A 177 2.59 -8.80 -1.33
C ARG A 177 3.58 -9.19 -2.41
N LEU A 178 4.55 -8.31 -2.64
CA LEU A 178 5.59 -8.56 -3.63
C LEU A 178 6.97 -8.59 -3.00
N ARG A 179 7.53 -9.79 -2.87
CA ARG A 179 8.85 -9.95 -2.30
C ARG A 179 9.92 -9.71 -3.36
N PHE A 180 11.05 -9.15 -2.94
CA PHE A 180 12.17 -8.87 -3.84
C PHE A 180 13.54 -9.31 -3.29
N PRO B 29 5.57 0.85 29.34
CA PRO B 29 6.97 1.34 29.24
C PRO B 29 7.67 0.97 27.92
N VAL B 30 6.90 0.52 26.93
CA VAL B 30 7.50 0.18 25.64
C VAL B 30 7.49 1.42 24.75
N GLU B 31 8.49 1.53 23.89
CA GLU B 31 8.61 2.67 23.01
C GLU B 31 9.21 2.21 21.69
N VAL B 32 8.48 2.38 20.60
CA VAL B 32 8.99 1.98 19.29
C VAL B 32 9.23 3.19 18.40
N THR B 33 10.38 3.22 17.73
CA THR B 33 10.69 4.35 16.87
C THR B 33 11.06 3.92 15.47
N TYR B 34 10.59 4.69 14.50
CA TYR B 34 10.86 4.41 13.10
C TYR B 34 10.86 5.76 12.38
N LYS B 35 11.91 6.01 11.62
CA LYS B 35 12.02 7.27 10.90
C LYS B 35 11.99 8.45 11.87
N ASN B 36 10.99 9.31 11.71
CA ASN B 36 10.84 10.48 12.55
C ASN B 36 9.70 10.34 13.56
N MET B 37 8.98 9.22 13.50
CA MET B 37 7.89 8.98 14.43
C MET B 37 8.38 8.16 15.62
N ARG B 38 8.03 8.60 16.83
CA ARG B 38 8.43 7.88 18.03
C ARG B 38 7.18 7.58 18.85
N PHE B 39 7.00 6.31 19.23
CA PHE B 39 5.82 5.95 19.99
C PHE B 39 6.13 5.33 21.33
N LEU B 40 5.23 5.58 22.28
CA LEU B 40 5.36 5.05 23.62
C LEU B 40 4.03 4.44 24.04
N ILE B 41 3.96 3.11 24.06
CA ILE B 41 2.73 2.46 24.47
C ILE B 41 2.78 2.31 25.97
N THR B 42 1.62 2.48 26.60
CA THR B 42 1.54 2.39 28.04
C THR B 42 0.21 1.78 28.49
N HIS B 43 0.12 1.57 29.79
CA HIS B 43 -1.08 1.02 30.41
C HIS B 43 -2.10 2.13 30.64
N ASN B 44 -2.30 2.49 31.88
CA ASN B 44 -3.24 3.53 32.25
C ASN B 44 -2.92 3.92 33.69
N PRO B 45 -2.65 5.22 33.92
CA PRO B 45 -2.34 5.61 35.29
C PRO B 45 -3.64 5.65 36.10
N THR B 46 -3.51 5.72 37.42
CA THR B 46 -4.67 5.78 38.28
C THR B 46 -5.03 7.26 38.47
N ASN B 47 -6.29 7.56 38.72
CA ASN B 47 -6.71 8.95 38.92
C ASN B 47 -5.76 9.61 39.93
N ALA B 48 -5.14 8.79 40.78
CA ALA B 48 -4.21 9.28 41.79
C ALA B 48 -2.82 9.49 41.21
N THR B 49 -2.24 8.43 40.66
CA THR B 49 -0.90 8.45 40.07
C THR B 49 -0.67 9.61 39.09
N LEU B 50 -1.72 9.98 38.36
CA LEU B 50 -1.68 11.07 37.39
C LEU B 50 -0.37 11.87 37.39
N ASN B 51 -0.18 12.69 38.43
CA ASN B 51 1.03 13.52 38.55
C ASN B 51 2.35 12.84 38.24
N LYS B 52 2.87 12.04 39.17
CA LYS B 52 4.14 11.36 38.96
C LYS B 52 4.15 10.69 37.59
N PHE B 53 2.97 10.37 37.10
CA PHE B 53 2.80 9.74 35.79
C PHE B 53 3.17 10.73 34.68
N ILE B 54 2.51 11.88 34.68
CA ILE B 54 2.78 12.89 33.68
C ILE B 54 4.22 13.35 33.80
N GLU B 55 4.88 12.93 34.87
CA GLU B 55 6.28 13.29 35.09
C GLU B 55 7.19 12.68 34.04
N GLU B 56 7.63 11.44 34.29
CA GLU B 56 8.51 10.73 33.37
C GLU B 56 7.86 10.66 32.00
N LEU B 57 6.55 10.92 32.00
CA LEU B 57 5.73 10.92 30.78
C LEU B 57 6.19 12.12 29.96
N LYS B 58 6.07 13.30 30.54
CA LYS B 58 6.50 14.51 29.88
C LYS B 58 8.00 14.35 29.64
N LYS B 59 8.59 13.37 30.29
CA LYS B 59 10.02 13.11 30.13
C LYS B 59 10.30 12.33 28.85
N TYR B 60 9.30 12.29 27.98
CA TYR B 60 9.39 11.60 26.71
C TYR B 60 8.91 12.49 25.57
N GLY B 61 8.94 13.79 25.80
CA GLY B 61 8.52 14.74 24.78
C GLY B 61 7.07 14.58 24.34
N VAL B 62 6.35 13.65 24.97
CA VAL B 62 4.93 13.43 24.64
C VAL B 62 4.19 14.76 24.64
N THR B 63 3.39 14.96 23.61
CA THR B 63 2.63 16.19 23.48
C THR B 63 1.20 15.81 23.16
N THR B 64 1.04 14.58 22.70
CA THR B 64 -0.26 14.03 22.33
C THR B 64 -0.40 12.65 22.95
N ILE B 65 -1.63 12.30 23.26
CA ILE B 65 -1.94 11.02 23.86
C ILE B 65 -3.29 10.62 23.31
N VAL B 66 -3.41 9.36 22.93
CA VAL B 66 -4.64 8.86 22.37
C VAL B 66 -5.13 7.67 23.18
N ARG B 67 -6.40 7.72 23.57
CA ARG B 67 -7.00 6.64 24.34
C ARG B 67 -7.64 5.65 23.38
N VAL B 68 -6.87 4.67 22.93
CA VAL B 68 -7.35 3.67 22.00
C VAL B 68 -8.55 2.89 22.57
N CYS B 69 -8.54 2.65 23.89
CA CYS B 69 -9.63 1.91 24.51
C CYS B 69 -10.55 2.76 25.39
N GLU B 70 -10.74 2.32 26.64
CA GLU B 70 -11.62 3.01 27.58
C GLU B 70 -11.05 4.34 28.09
N ALA B 71 -11.65 4.84 29.18
CA ALA B 71 -11.23 6.10 29.78
C ALA B 71 -11.37 5.98 31.30
N THR B 72 -10.62 6.79 32.05
CA THR B 72 -10.67 6.74 33.51
C THR B 72 -10.00 7.90 34.25
N TYR B 73 -10.10 9.12 33.74
CA TYR B 73 -9.49 10.25 34.43
C TYR B 73 -9.78 11.64 33.83
N ASP B 74 -9.52 12.67 34.62
CA ASP B 74 -9.76 14.04 34.18
C ASP B 74 -8.75 14.51 33.15
N THR B 75 -9.09 14.35 31.87
CA THR B 75 -8.23 14.76 30.77
C THR B 75 -7.78 16.19 31.03
N THR B 76 -8.62 16.93 31.74
CA THR B 76 -8.35 18.33 32.07
C THR B 76 -7.04 18.51 32.85
N LEU B 77 -6.70 17.51 33.67
CA LEU B 77 -5.47 17.55 34.46
C LEU B 77 -4.29 17.39 33.51
N VAL B 78 -4.49 16.61 32.46
CA VAL B 78 -3.48 16.37 31.45
C VAL B 78 -3.44 17.60 30.56
N GLU B 79 -4.61 17.97 30.05
CA GLU B 79 -4.75 19.13 29.19
C GLU B 79 -4.19 20.37 29.86
N LYS B 80 -4.34 20.44 31.18
CA LYS B 80 -3.84 21.56 31.96
C LYS B 80 -2.31 21.55 32.06
N GLU B 81 -1.72 20.42 31.71
CA GLU B 81 -0.26 20.25 31.75
C GLU B 81 0.39 20.56 30.41
N GLY B 82 -0.06 19.90 29.35
CA GLY B 82 0.50 20.15 28.03
C GLY B 82 0.19 19.13 26.95
N ILE B 83 -0.07 17.88 27.35
CA ILE B 83 -0.37 16.82 26.40
C ILE B 83 -1.84 16.87 25.96
N HIS B 84 -2.11 16.52 24.71
CA HIS B 84 -3.48 16.55 24.22
C HIS B 84 -4.13 15.16 24.21
N VAL B 85 -5.25 15.05 24.90
CA VAL B 85 -5.97 13.80 24.97
C VAL B 85 -6.66 13.60 23.64
N LEU B 86 -6.89 12.36 23.26
CA LEU B 86 -7.55 12.03 22.02
C LEU B 86 -8.09 10.63 22.22
N ASP B 87 -9.37 10.55 22.50
CA ASP B 87 -10.03 9.29 22.77
C ASP B 87 -10.70 8.72 21.54
N TRP B 88 -10.11 7.65 21.00
CA TRP B 88 -10.67 7.01 19.84
C TRP B 88 -10.86 5.51 20.10
N PRO B 89 -11.73 5.17 21.08
CA PRO B 89 -12.00 3.78 21.43
C PRO B 89 -12.60 3.05 20.24
N PHE B 90 -12.26 1.77 20.06
CA PHE B 90 -12.80 1.05 18.94
C PHE B 90 -12.93 -0.45 19.16
N ASP B 91 -13.94 -1.04 18.51
CA ASP B 91 -14.23 -2.46 18.61
C ASP B 91 -12.98 -3.29 18.92
N ASP B 92 -13.00 -3.99 20.05
CA ASP B 92 -11.87 -4.81 20.44
C ASP B 92 -11.78 -5.98 19.46
N GLY B 93 -10.55 -6.36 19.10
CA GLY B 93 -10.35 -7.44 18.15
C GLY B 93 -10.86 -7.03 16.78
N ALA B 94 -11.78 -6.06 16.77
CA ALA B 94 -12.39 -5.58 15.53
C ALA B 94 -11.91 -4.18 15.12
N PRO B 95 -11.40 -4.05 13.89
CA PRO B 95 -10.89 -2.81 13.31
C PRO B 95 -11.54 -1.51 13.81
N PRO B 96 -10.72 -0.47 14.00
CA PRO B 96 -11.08 0.87 14.46
C PRO B 96 -11.82 1.74 13.46
N SER B 97 -12.19 1.18 12.32
CA SER B 97 -12.90 1.92 11.29
C SER B 97 -11.99 2.84 10.47
N ASN B 98 -12.29 2.93 9.18
CA ASN B 98 -11.51 3.74 8.25
C ASN B 98 -11.40 5.19 8.67
N GLN B 99 -12.12 5.56 9.73
CA GLN B 99 -12.11 6.93 10.23
C GLN B 99 -11.05 7.14 11.31
N ILE B 100 -11.02 6.27 12.31
CA ILE B 100 -10.03 6.38 13.37
C ILE B 100 -8.66 6.37 12.70
N VAL B 101 -8.59 5.73 11.54
CA VAL B 101 -7.35 5.62 10.80
C VAL B 101 -6.96 6.90 10.05
N ASP B 102 -7.89 7.47 9.29
CA ASP B 102 -7.58 8.69 8.56
C ASP B 102 -7.08 9.75 9.53
N ASP B 103 -7.61 9.69 10.76
CA ASP B 103 -7.22 10.63 11.80
C ASP B 103 -5.85 10.29 12.37
N TRP B 104 -5.69 9.07 12.86
CA TRP B 104 -4.42 8.62 13.40
C TRP B 104 -3.33 8.99 12.39
N LEU B 105 -3.48 8.46 11.17
CA LEU B 105 -2.52 8.71 10.10
C LEU B 105 -2.24 10.19 9.93
N SER B 106 -3.29 10.99 9.80
CA SER B 106 -3.09 12.44 9.67
C SER B 106 -2.25 12.88 10.84
N LEU B 107 -2.79 12.72 12.05
CA LEU B 107 -2.08 13.10 13.24
C LEU B 107 -0.62 12.71 13.13
N VAL B 108 -0.38 11.44 12.80
CA VAL B 108 0.98 10.91 12.66
C VAL B 108 1.78 11.80 11.70
N LYS B 109 1.19 12.12 10.56
CA LYS B 109 1.85 12.98 9.59
C LYS B 109 2.23 14.30 10.25
N ILE B 110 1.24 15.13 10.52
CA ILE B 110 1.46 16.44 11.14
C ILE B 110 2.42 16.45 12.34
N LYS B 111 1.91 16.10 13.51
CA LYS B 111 2.65 16.08 14.76
C LYS B 111 4.16 15.77 14.76
N PHE B 112 4.58 14.79 13.96
CA PHE B 112 5.99 14.44 13.96
C PHE B 112 6.93 15.37 13.21
N ARG B 113 6.35 16.16 12.32
CA ARG B 113 7.09 17.15 11.57
C ARG B 113 6.90 18.45 12.36
N GLU B 114 5.71 18.58 12.94
CA GLU B 114 5.32 19.74 13.73
C GLU B 114 6.26 19.96 14.91
N GLU B 115 6.41 18.94 15.74
CA GLU B 115 7.29 18.99 16.89
C GLU B 115 8.39 17.97 16.67
N PRO B 116 9.41 18.34 15.88
CA PRO B 116 10.51 17.42 15.60
C PRO B 116 11.10 16.86 16.87
N GLY B 117 11.06 15.55 17.03
CA GLY B 117 11.62 14.91 18.21
C GLY B 117 10.60 14.51 19.27
N CYS B 118 9.35 14.88 19.05
CA CYS B 118 8.29 14.56 19.99
C CYS B 118 7.97 13.07 19.97
N CYS B 119 6.95 12.72 20.74
CA CYS B 119 6.49 11.36 20.87
C CYS B 119 4.97 11.36 21.04
N ILE B 120 4.33 10.27 20.61
CA ILE B 120 2.88 10.14 20.75
C ILE B 120 2.68 9.08 21.81
N ALA B 121 1.76 9.32 22.73
CA ALA B 121 1.50 8.36 23.79
C ALA B 121 0.17 7.67 23.52
N VAL B 122 0.23 6.35 23.39
CA VAL B 122 -1.00 5.61 23.12
C VAL B 122 -1.23 4.57 24.22
N HIS B 123 -2.28 4.77 25.00
CA HIS B 123 -2.64 3.85 26.08
C HIS B 123 -4.02 3.29 25.75
N CYS B 124 -4.30 2.07 26.21
CA CYS B 124 -5.58 1.43 25.96
C CYS B 124 -6.47 1.47 27.22
N VAL B 125 -6.22 0.54 28.14
CA VAL B 125 -6.94 0.41 29.42
C VAL B 125 -6.68 -1.02 29.90
N ALA B 126 -6.67 -1.94 28.95
CA ALA B 126 -6.40 -3.34 29.22
C ALA B 126 -4.92 -3.56 28.92
N GLY B 127 -4.10 -2.59 29.32
CA GLY B 127 -2.67 -2.67 29.08
C GLY B 127 -2.33 -3.29 27.73
N LEU B 128 -2.13 -2.41 26.73
CA LEU B 128 -1.79 -2.82 25.37
C LEU B 128 -3.05 -3.21 24.58
N GLY B 129 -3.00 -4.35 23.91
CA GLY B 129 -4.13 -4.81 23.12
C GLY B 129 -4.29 -4.06 21.80
N ARG B 130 -5.13 -3.03 21.80
CA ARG B 130 -5.38 -2.22 20.61
C ARG B 130 -4.22 -1.27 20.30
N ALA B 131 -3.57 -0.76 21.35
CA ALA B 131 -2.45 0.18 21.20
C ALA B 131 -1.47 -0.25 20.11
N PRO B 132 -0.94 -1.48 20.19
CA PRO B 132 0.02 -1.97 19.20
C PRO B 132 -0.52 -1.85 17.78
N VAL B 133 -1.62 -2.55 17.51
CA VAL B 133 -2.26 -2.53 16.22
C VAL B 133 -2.18 -1.15 15.57
N LEU B 134 -2.59 -0.15 16.33
CA LEU B 134 -2.60 1.23 15.88
C LEU B 134 -1.20 1.69 15.44
N VAL B 135 -0.22 1.57 16.33
CA VAL B 135 1.15 1.95 16.01
C VAL B 135 1.64 1.09 14.83
N ALA B 136 1.22 -0.17 14.80
CA ALA B 136 1.60 -1.07 13.73
C ALA B 136 1.30 -0.40 12.40
N LEU B 137 0.15 0.29 12.32
CA LEU B 137 -0.24 1.00 11.11
C LEU B 137 0.72 2.18 10.85
N ALA B 138 1.00 2.96 11.88
CA ALA B 138 1.92 4.06 11.72
C ALA B 138 3.11 3.50 10.95
N LEU B 139 3.54 2.29 11.32
CA LEU B 139 4.67 1.65 10.66
C LEU B 139 4.36 1.26 9.23
N ILE B 140 3.57 0.21 9.05
CA ILE B 140 3.17 -0.26 7.72
C ILE B 140 2.88 0.91 6.78
N GLU B 141 2.13 1.87 7.29
CA GLU B 141 1.75 3.04 6.52
C GLU B 141 2.98 3.87 6.12
N GLY B 142 3.97 3.92 7.00
CA GLY B 142 5.18 4.67 6.70
C GLY B 142 6.20 3.74 6.09
N GLY B 143 5.70 2.69 5.43
CA GLY B 143 6.56 1.69 4.80
C GLY B 143 6.67 0.48 5.71
N MET B 144 7.43 -0.53 5.30
CA MET B 144 7.59 -1.72 6.15
C MET B 144 6.35 -2.59 6.07
N LYS B 145 6.50 -3.78 5.49
CA LYS B 145 5.38 -4.70 5.35
C LYS B 145 4.88 -5.09 6.73
N TYR B 146 3.61 -5.46 6.80
CA TYR B 146 2.99 -5.82 8.07
C TYR B 146 3.78 -6.88 8.86
N GLU B 147 4.49 -7.77 8.17
CA GLU B 147 5.27 -8.80 8.85
C GLU B 147 6.40 -8.12 9.61
N ASP B 148 7.07 -7.21 8.93
CA ASP B 148 8.18 -6.44 9.51
C ASP B 148 7.68 -5.60 10.69
N ALA B 149 6.43 -5.15 10.56
CA ALA B 149 5.82 -4.33 11.59
C ALA B 149 5.60 -5.14 12.88
N VAL B 150 5.01 -6.32 12.72
CA VAL B 150 4.74 -7.18 13.87
C VAL B 150 5.99 -7.48 14.67
N GLN B 151 7.03 -7.97 13.98
CA GLN B 151 8.32 -8.29 14.61
C GLN B 151 8.85 -7.08 15.37
N PHE B 152 8.98 -5.97 14.64
CA PHE B 152 9.48 -4.73 15.21
C PHE B 152 8.79 -4.42 16.54
N ILE B 153 7.50 -4.73 16.63
CA ILE B 153 6.73 -4.50 17.85
C ILE B 153 6.96 -5.63 18.86
N ARG B 154 6.77 -6.89 18.44
CA ARG B 154 6.99 -8.02 19.33
C ARG B 154 8.30 -7.79 20.07
N GLN B 155 9.28 -7.25 19.34
CA GLN B 155 10.58 -6.96 19.90
C GLN B 155 10.44 -6.27 21.27
N LYS B 156 9.49 -5.36 21.36
CA LYS B 156 9.26 -4.61 22.59
C LYS B 156 7.95 -4.97 23.30
N ARG B 157 7.37 -6.11 22.96
CA ARG B 157 6.11 -6.52 23.58
C ARG B 157 6.02 -8.03 23.74
N ARG B 158 6.69 -8.74 22.85
CA ARG B 158 6.72 -10.21 22.84
C ARG B 158 5.39 -10.94 22.97
N GLY B 159 4.31 -10.22 23.24
CA GLY B 159 3.01 -10.88 23.37
C GLY B 159 1.97 -10.05 22.66
N ALA B 160 2.47 -9.12 21.85
CA ALA B 160 1.64 -8.21 21.08
C ALA B 160 0.90 -8.90 19.96
N PHE B 161 -0.32 -8.42 19.71
CA PHE B 161 -1.14 -8.96 18.64
C PHE B 161 -1.55 -10.40 18.84
N ASN B 162 -2.75 -10.72 18.35
CA ASN B 162 -3.26 -12.07 18.43
C ASN B 162 -3.89 -12.44 17.09
N SER B 163 -4.13 -13.72 16.89
CA SER B 163 -4.71 -14.24 15.65
C SER B 163 -5.70 -13.32 14.93
N LYS B 164 -6.53 -12.62 15.70
CA LYS B 164 -7.53 -11.73 15.11
C LYS B 164 -6.89 -10.47 14.56
N GLN B 165 -6.16 -9.76 15.41
CA GLN B 165 -5.48 -8.54 15.04
C GLN B 165 -4.49 -8.74 13.89
N LEU B 166 -3.88 -9.93 13.82
CA LEU B 166 -2.92 -10.26 12.76
C LEU B 166 -3.64 -10.24 11.43
N LEU B 167 -4.76 -10.94 11.37
CA LEU B 167 -5.57 -11.00 10.16
C LEU B 167 -5.86 -9.58 9.72
N TYR B 168 -6.11 -8.72 10.70
CA TYR B 168 -6.41 -7.34 10.41
C TYR B 168 -5.24 -6.72 9.67
N LEU B 169 -4.10 -6.65 10.35
CA LEU B 169 -2.90 -6.09 9.76
C LEU B 169 -2.48 -6.82 8.48
N GLU B 170 -2.61 -8.14 8.48
CA GLU B 170 -2.24 -8.94 7.32
C GLU B 170 -3.08 -8.55 6.11
N LYS B 171 -4.33 -8.22 6.35
CA LYS B 171 -5.26 -7.87 5.29
C LYS B 171 -5.47 -6.38 5.10
N TYR B 172 -4.53 -5.56 5.57
CA TYR B 172 -4.64 -4.10 5.46
C TYR B 172 -3.94 -3.58 4.19
N ARG B 173 -4.54 -2.57 3.55
CA ARG B 173 -3.96 -1.97 2.36
C ARG B 173 -3.66 -0.53 2.74
N PRO B 174 -2.39 -0.13 2.74
CA PRO B 174 -1.99 1.23 3.09
C PRO B 174 -2.17 2.26 2.01
N LYS B 175 -2.46 3.50 2.41
CA LYS B 175 -2.58 4.59 1.45
C LYS B 175 -1.16 4.78 0.93
N MET B 176 -0.28 5.21 1.83
CA MET B 176 1.16 5.49 1.63
C MET B 176 1.44 6.99 1.56
N ARG B 177 0.40 7.80 1.70
CA ARG B 177 0.54 9.25 1.66
C ARG B 177 1.61 9.78 2.62
N LEU B 178 2.45 8.90 3.14
CA LEU B 178 3.52 9.30 4.05
C LEU B 178 4.87 9.46 3.34
N ARG B 179 5.27 10.71 3.10
CA ARG B 179 6.53 10.98 2.43
C ARG B 179 7.61 11.02 3.51
N PHE B 180 8.77 10.48 3.17
CA PHE B 180 9.91 10.47 4.09
C PHE B 180 11.18 10.90 3.34
N SER C 4 -10.57 -21.39 -38.77
CA SER C 4 -10.44 -22.58 -37.89
C SER C 4 -9.28 -22.43 -36.90
N LEU C 5 -8.97 -21.19 -36.54
CA LEU C 5 -7.88 -20.91 -35.58
C LEU C 5 -8.26 -19.81 -34.58
N ILE C 6 -8.53 -18.61 -35.07
CA ILE C 6 -8.91 -17.46 -34.24
C ILE C 6 -8.08 -17.31 -32.94
N PRO C 7 -8.45 -16.36 -32.06
CA PRO C 7 -7.70 -16.18 -30.80
C PRO C 7 -8.36 -16.79 -29.55
N PRO C 8 -8.05 -18.06 -29.24
CA PRO C 8 -8.61 -18.77 -28.07
C PRO C 8 -7.87 -18.43 -26.76
N LYS C 9 -7.00 -19.34 -26.33
CA LYS C 9 -6.17 -19.20 -25.14
C LYS C 9 -6.84 -18.41 -24.00
N TYR C 10 -6.04 -17.57 -23.33
CA TYR C 10 -6.54 -16.73 -22.23
C TYR C 10 -7.22 -17.56 -21.14
N ILE C 11 -7.66 -16.91 -20.05
CA ILE C 11 -8.33 -17.61 -18.97
C ILE C 11 -9.53 -16.88 -18.37
N THR C 12 -9.35 -15.64 -17.91
CA THR C 12 -10.46 -14.89 -17.32
C THR C 12 -10.24 -13.38 -17.28
N SER D 4 -18.34 19.42 37.14
CA SER D 4 -17.97 20.87 37.01
C SER D 4 -16.87 21.08 35.97
N LEU D 5 -15.64 20.83 36.38
CA LEU D 5 -14.48 20.98 35.50
C LEU D 5 -14.72 20.19 34.22
N ILE D 6 -14.91 18.88 34.36
CA ILE D 6 -15.18 17.99 33.23
C ILE D 6 -13.98 17.90 32.26
N PRO D 7 -13.70 16.70 31.70
CA PRO D 7 -12.58 16.48 30.76
C PRO D 7 -12.98 16.61 29.26
N PRO D 8 -12.92 17.84 28.69
CA PRO D 8 -13.25 18.14 27.28
C PRO D 8 -12.11 18.19 26.24
N LYS D 9 -12.38 18.89 25.13
CA LYS D 9 -11.47 19.08 24.00
C LYS D 9 -11.23 17.87 23.10
N TYR D 10 -11.87 17.88 21.93
CA TYR D 10 -11.76 16.78 20.97
C TYR D 10 -12.23 17.16 19.56
N ILE D 11 -11.44 16.74 18.56
CA ILE D 11 -11.72 17.00 17.15
C ILE D 11 -12.42 15.81 16.48
N THR D 12 -12.47 15.78 15.15
CA THR D 12 -13.12 14.68 14.44
C THR D 12 -12.49 13.33 14.80
#